data_5ZB4
#
_entry.id   5ZB4
#
_cell.length_a   47.170
_cell.length_b   47.474
_cell.length_c   152.169
_cell.angle_alpha   90.00
_cell.angle_beta   90.00
_cell.angle_gamma   90.00
#
_symmetry.space_group_name_H-M   'P 21 21 21'
#
loop_
_entity.id
_entity.type
_entity.pdbx_description
1 polymer 'Thymidylate kinase'
2 non-polymer "ADENOSINE-5'-DIPHOSPHATE"
3 non-polymer 'CALCIUM ION'
4 non-polymer 'CHLORIDE ION'
5 non-polymer "THYMIDINE-5'-PHOSPHATE"
6 water water
#
_entity_poly.entity_id   1
_entity_poly.type   'polypeptide(L)'
_entity_poly.pdbx_seq_one_letter_code
;MPGLFLTLEGLDGSGKTTQARRLAAFLEAQGRPVLLTREPGGGLPEVRSLLLTQELSPEAEYLLFSADRAEHVRKVILPG
LAAGKVVISDRYLDSSLAYQGYGRGLPLPWLREVAREATRGLKPRLTFLLDLPPEAALRRVRRPDRLEGLGLEFFRRVRE
GYLALARAEPGRFVVLDATLPEEEIARAIQAHLRPLLP
;
_entity_poly.pdbx_strand_id   A,B
#
# COMPACT_ATOMS: atom_id res chain seq x y z
N PRO A 2 23.78 12.20 -10.06
CA PRO A 2 24.43 13.03 -9.06
C PRO A 2 23.87 12.74 -7.68
N GLY A 3 24.37 13.45 -6.66
CA GLY A 3 23.94 13.21 -5.29
C GLY A 3 24.39 11.87 -4.73
N LEU A 4 24.16 11.68 -3.45
CA LEU A 4 24.60 10.50 -2.74
C LEU A 4 23.48 10.12 -1.79
N PHE A 5 23.01 8.87 -1.86
CA PHE A 5 21.89 8.42 -1.05
C PHE A 5 22.43 7.54 0.05
N LEU A 6 22.19 7.95 1.30
CA LEU A 6 22.61 7.21 2.50
C LEU A 6 21.43 6.99 3.43
N THR A 7 21.43 5.85 4.11
CA THR A 7 20.44 5.55 5.13
C THR A 7 20.98 5.03 6.43
N LEU A 8 20.14 5.17 7.47
CA LEU A 8 20.39 4.65 8.79
C LEU A 8 19.32 3.64 9.10
N GLU A 9 19.73 2.53 9.70
CA GLU A 9 18.84 1.43 10.04
C GLU A 9 19.23 0.86 11.41
N GLY A 10 18.29 0.10 11.99
CA GLY A 10 18.47 -0.49 13.30
C GLY A 10 17.17 -0.44 14.10
N LEU A 11 17.12 -1.22 15.18
CA LEU A 11 15.97 -1.29 16.04
C LEU A 11 15.64 0.07 16.63
N ASP A 12 14.41 0.17 17.10
CA ASP A 12 13.95 1.31 17.89
C ASP A 12 14.97 1.49 19.00
N GLY A 13 15.34 2.73 19.28
CA GLY A 13 16.32 3.02 20.31
C GLY A 13 17.77 2.68 19.99
N SER A 14 18.11 2.34 18.74
CA SER A 14 19.50 2.02 18.39
C SER A 14 20.43 3.23 18.10
N GLY A 15 19.90 4.45 18.11
CA GLY A 15 20.67 5.65 17.82
C GLY A 15 20.60 6.19 16.39
N LYS A 16 19.64 5.70 15.58
CA LYS A 16 19.58 6.15 14.18
C LYS A 16 19.40 7.66 14.03
N THR A 17 18.43 8.23 14.75
CA THR A 17 18.15 9.66 14.63
C THR A 17 19.33 10.47 15.13
N THR A 18 19.90 10.02 16.25
CA THR A 18 21.14 10.62 16.78
C THR A 18 22.23 10.68 15.70
N GLN A 19 22.56 9.54 15.10
CA GLN A 19 23.64 9.51 14.11
C GLN A 19 23.25 10.20 12.82
N ALA A 20 21.99 10.10 12.41
CA ALA A 20 21.56 10.71 11.15
C ALA A 20 21.73 12.24 11.19
N ARG A 21 21.31 12.84 12.29
CA ARG A 21 21.45 14.28 12.52
C ARG A 21 22.88 14.73 12.69
N ARG A 22 23.67 13.95 13.43
CA ARG A 22 25.09 14.27 13.55
C ARG A 22 25.77 14.24 12.19
N LEU A 23 25.42 13.26 11.35
CA LEU A 23 26.01 13.13 10.03
C LEU A 23 25.68 14.31 9.12
N ALA A 24 24.40 14.71 9.13
CA ALA A 24 23.88 15.83 8.35
C ALA A 24 24.62 17.12 8.68
N ALA A 25 24.73 17.42 9.97
CA ALA A 25 25.49 18.60 10.39
C ALA A 25 26.97 18.50 10.00
N PHE A 26 27.56 17.32 10.14
CA PHE A 26 28.97 17.09 9.79
C PHE A 26 29.20 17.38 8.31
N LEU A 27 28.34 16.85 7.45
CA LEU A 27 28.48 17.09 6.02
C LEU A 27 28.16 18.53 5.62
N GLU A 28 27.18 19.14 6.27
CA GLU A 28 26.87 20.57 6.05
C GLU A 28 28.06 21.47 6.43
N ALA A 29 28.75 21.15 7.52
CA ALA A 29 29.96 21.86 7.91
C ALA A 29 31.11 21.71 6.91
N GLN A 30 31.16 20.59 6.17
CA GLN A 30 32.09 20.44 5.04
C GLN A 30 31.67 21.22 3.76
N GLY A 31 30.61 22.02 3.82
CA GLY A 31 30.09 22.74 2.66
C GLY A 31 29.24 21.92 1.70
N ARG A 32 28.84 20.70 2.08
CA ARG A 32 28.05 19.84 1.20
C ARG A 32 26.56 20.12 1.39
N PRO A 33 25.80 20.25 0.30
CA PRO A 33 24.35 20.30 0.45
C PRO A 33 23.77 18.95 0.90
N VAL A 34 22.95 18.99 1.95
CA VAL A 34 22.36 17.80 2.56
C VAL A 34 20.83 17.92 2.71
N LEU A 35 20.13 16.81 2.47
CA LEU A 35 18.70 16.71 2.73
C LEU A 35 18.52 15.57 3.73
N LEU A 36 18.02 15.92 4.91
CA LEU A 36 17.83 14.96 6.00
C LEU A 36 16.34 14.66 5.96
N THR A 37 16.02 13.39 5.86
CA THR A 37 14.63 12.96 5.78
C THR A 37 14.46 11.67 6.61
N ARG A 38 13.28 11.09 6.57
CA ARG A 38 12.98 9.94 7.44
C ARG A 38 11.77 9.19 6.97
N GLU A 39 11.68 7.92 7.38
CA GLU A 39 10.47 7.09 7.22
C GLU A 39 10.09 6.45 8.55
N PRO A 40 8.81 6.35 8.91
CA PRO A 40 7.66 6.73 8.09
C PRO A 40 7.33 8.20 8.23
N GLY A 41 6.88 8.80 7.15
CA GLY A 41 6.30 10.13 7.20
C GLY A 41 6.94 11.15 6.27
N GLY A 42 8.12 10.84 5.72
CA GLY A 42 8.78 11.74 4.78
C GLY A 42 8.04 11.95 3.45
N GLY A 43 7.21 10.98 3.05
CA GLY A 43 6.39 11.12 1.80
C GLY A 43 5.01 11.62 2.14
N LEU A 44 4.36 10.90 3.05
CA LEU A 44 2.99 11.15 3.47
C LEU A 44 2.93 11.25 5.00
N PRO A 45 2.98 12.49 5.55
CA PRO A 45 3.09 12.64 7.00
C PRO A 45 1.96 11.96 7.78
N GLU A 46 0.77 11.98 7.21
CA GLU A 46 -0.42 11.34 7.80
C GLU A 46 -0.33 9.81 7.91
N VAL A 47 0.61 9.16 7.21
CA VAL A 47 0.80 7.72 7.39
C VAL A 47 1.10 7.34 8.84
N ARG A 48 1.69 8.23 9.63
CA ARG A 48 1.95 7.91 11.05
C ARG A 48 0.65 7.67 11.83
N SER A 49 -0.40 8.42 11.48
CA SER A 49 -1.72 8.18 12.05
C SER A 49 -2.26 6.82 11.64
N LEU A 50 -2.21 6.53 10.35
CA LEU A 50 -2.71 5.27 9.83
C LEU A 50 -1.99 4.08 10.43
N LEU A 51 -0.68 4.23 10.65
CA LEU A 51 0.13 3.13 11.19
C LEU A 51 -0.24 2.77 12.63
N LEU A 52 -0.80 3.70 13.40
CA LEU A 52 -1.22 3.44 14.79
C LEU A 52 -2.55 2.69 14.91
N THR A 53 -3.31 2.58 13.83
CA THR A 53 -4.57 1.85 13.84
C THR A 53 -4.47 0.53 14.59
N GLN A 54 -5.38 0.30 15.54
CA GLN A 54 -5.34 -0.94 16.33
C GLN A 54 -5.55 -2.16 15.45
N GLU A 55 -4.83 -3.24 15.76
CA GLU A 55 -5.07 -4.57 15.17
C GLU A 55 -4.88 -4.68 13.64
N LEU A 56 -4.00 -3.85 13.12
CA LEU A 56 -3.71 -3.76 11.70
C LEU A 56 -3.06 -5.03 11.22
N SER A 57 -3.53 -5.59 10.11
CA SER A 57 -2.90 -6.78 9.53
C SER A 57 -1.49 -6.39 9.11
N PRO A 58 -0.53 -7.32 9.14
CA PRO A 58 0.81 -6.94 8.68
C PRO A 58 0.85 -6.53 7.22
N GLU A 59 -0.04 -7.11 6.41
CA GLU A 59 -0.16 -6.73 5.01
C GLU A 59 -0.53 -5.26 4.85
N ALA A 60 -1.59 -4.84 5.53
CA ALA A 60 -2.00 -3.43 5.50
C ALA A 60 -0.90 -2.54 6.09
N GLU A 61 -0.25 -3.03 7.14
CA GLU A 61 0.88 -2.32 7.73
C GLU A 61 1.94 -2.07 6.68
N TYR A 62 2.43 -3.11 6.03
CA TYR A 62 3.43 -2.91 4.99
C TYR A 62 2.95 -2.02 3.86
N LEU A 63 1.70 -2.20 3.44
CA LEU A 63 1.18 -1.35 2.34
C LEU A 63 1.12 0.15 2.69
N LEU A 64 0.84 0.47 3.95
CA LEU A 64 0.98 1.86 4.43
C LEU A 64 2.42 2.41 4.38
N PHE A 65 3.38 1.65 4.90
CA PHE A 65 4.81 2.03 4.80
C PHE A 65 5.19 2.23 3.35
N SER A 66 4.67 1.40 2.45
CA SER A 66 5.03 1.49 1.03
C SER A 66 4.41 2.72 0.34
N ALA A 67 3.18 3.04 0.72
CA ALA A 67 2.53 4.23 0.20
C ALA A 67 3.33 5.46 0.53
N ASP A 68 3.73 5.58 1.80
CA ASP A 68 4.62 6.65 2.24
C ASP A 68 5.95 6.63 1.46
N ARG A 69 6.54 5.45 1.37
CA ARG A 69 7.80 5.26 0.64
C ARG A 69 7.69 5.68 -0.83
N ALA A 70 6.57 5.36 -1.48
CA ALA A 70 6.41 5.76 -2.90
C ALA A 70 6.40 7.27 -3.07
N GLU A 71 5.65 7.97 -2.23
CA GLU A 71 5.58 9.43 -2.23
C GLU A 71 6.93 10.07 -1.85
N HIS A 72 7.55 9.49 -0.81
CA HIS A 72 8.87 9.91 -0.30
C HIS A 72 9.97 9.90 -1.39
N VAL A 73 10.07 8.78 -2.10
CA VAL A 73 11.04 8.61 -3.20
C VAL A 73 10.75 9.62 -4.32
N ARG A 74 9.48 9.71 -4.73
CA ARG A 74 9.13 10.57 -5.88
C ARG A 74 9.23 12.05 -5.59
N LYS A 75 8.83 12.47 -4.39
CA LYS A 75 8.71 13.89 -4.08
C LYS A 75 9.88 14.48 -3.28
N VAL A 76 10.63 13.64 -2.57
CA VAL A 76 11.70 14.11 -1.69
C VAL A 76 13.06 13.59 -2.16
N ILE A 77 13.22 12.26 -2.24
CA ILE A 77 14.55 11.67 -2.39
C ILE A 77 15.09 11.88 -3.80
N LEU A 78 14.34 11.47 -4.82
CA LEU A 78 14.86 11.62 -6.18
C LEU A 78 15.14 13.07 -6.61
N PRO A 79 14.25 14.01 -6.28
CA PRO A 79 14.57 15.43 -6.56
C PRO A 79 15.81 15.95 -5.81
N GLY A 80 15.99 15.51 -4.56
CA GLY A 80 17.15 15.91 -3.79
C GLY A 80 18.44 15.39 -4.38
N LEU A 81 18.43 14.12 -4.76
CA LEU A 81 19.57 13.53 -5.42
C LEU A 81 19.86 14.19 -6.78
N ALA A 82 18.81 14.62 -7.48
CA ALA A 82 18.95 15.24 -8.80
C ALA A 82 19.64 16.60 -8.69
N ALA A 83 19.39 17.31 -7.59
CA ALA A 83 20.07 18.54 -7.22
C ALA A 83 21.52 18.40 -6.67
N GLY A 84 22.01 17.18 -6.58
CA GLY A 84 23.39 16.93 -6.18
C GLY A 84 23.54 16.90 -4.68
N LYS A 85 22.45 16.71 -3.95
CA LYS A 85 22.52 16.67 -2.49
C LYS A 85 22.88 15.30 -1.97
N VAL A 86 23.48 15.29 -0.78
CA VAL A 86 23.57 14.09 -0.01
C VAL A 86 22.21 13.92 0.69
N VAL A 87 21.49 12.88 0.34
CA VAL A 87 20.19 12.59 0.97
C VAL A 87 20.40 11.51 2.01
N ILE A 88 20.09 11.85 3.25
CA ILE A 88 20.18 10.92 4.36
C ILE A 88 18.77 10.61 4.79
N SER A 89 18.40 9.34 4.71
CA SER A 89 17.12 8.90 5.27
C SER A 89 17.30 8.08 6.53
N ASP A 90 16.61 8.53 7.59
CA ASP A 90 16.50 7.89 8.89
C ASP A 90 15.38 6.88 8.70
N ARG A 91 15.81 5.66 8.37
CA ARG A 91 15.00 4.53 7.86
C ARG A 91 14.69 4.59 6.35
N TYR A 92 14.70 3.42 5.75
CA TYR A 92 14.24 3.25 4.36
C TYR A 92 13.72 1.80 4.19
N LEU A 93 13.78 1.23 2.97
CA LEU A 93 13.18 -0.05 2.64
C LEU A 93 13.62 -1.18 3.54
N ASP A 94 14.89 -1.18 3.91
CA ASP A 94 15.36 -2.24 4.81
C ASP A 94 14.58 -2.32 6.10
N SER A 95 14.05 -1.21 6.58
CA SER A 95 13.17 -1.24 7.74
C SER A 95 11.99 -2.18 7.51
N SER A 96 11.38 -2.14 6.34
CA SER A 96 10.19 -2.99 6.07
C SER A 96 10.60 -4.45 5.98
N LEU A 97 11.74 -4.69 5.34
CA LEU A 97 12.25 -6.04 5.20
C LEU A 97 12.51 -6.68 6.57
N ALA A 98 13.12 -5.90 7.49
CA ALA A 98 13.42 -6.39 8.82
C ALA A 98 12.15 -6.52 9.66
N TYR A 99 11.33 -5.46 9.71
CA TYR A 99 10.14 -5.44 10.55
C TYR A 99 8.97 -6.22 9.99
N GLN A 100 8.55 -5.92 8.76
CA GLN A 100 7.41 -6.61 8.15
C GLN A 100 7.73 -7.98 7.59
N GLY A 101 8.98 -8.17 7.13
CA GLY A 101 9.45 -9.48 6.68
C GLY A 101 9.88 -10.40 7.82
N TYR A 102 11.07 -10.16 8.38
CA TYR A 102 11.55 -11.01 9.46
C TYR A 102 10.69 -10.90 10.73
N GLY A 103 10.24 -9.70 11.07
CA GLY A 103 9.44 -9.50 12.27
C GLY A 103 8.03 -10.06 12.16
N ARG A 104 7.25 -9.56 11.21
CA ARG A 104 5.84 -10.00 11.06
C ARG A 104 5.67 -11.31 10.26
N GLY A 105 6.66 -11.68 9.47
CA GLY A 105 6.62 -12.96 8.73
C GLY A 105 6.09 -12.83 7.31
N LEU A 106 6.02 -11.61 6.79
CA LEU A 106 5.51 -11.44 5.42
C LEU A 106 6.58 -11.92 4.46
N PRO A 107 6.15 -12.47 3.32
CA PRO A 107 7.09 -13.04 2.36
C PRO A 107 7.99 -11.99 1.66
N LEU A 108 9.30 -12.17 1.78
CA LEU A 108 10.27 -11.21 1.26
C LEU A 108 10.11 -10.87 -0.21
N PRO A 109 9.94 -11.89 -1.08
CA PRO A 109 9.74 -11.59 -2.50
C PRO A 109 8.54 -10.69 -2.77
N TRP A 110 7.44 -10.91 -2.07
CA TRP A 110 6.32 -9.99 -2.20
C TRP A 110 6.70 -8.58 -1.79
N LEU A 111 7.36 -8.46 -0.64
CA LEU A 111 7.83 -7.15 -0.16
C LEU A 111 8.66 -6.43 -1.21
N ARG A 112 9.59 -7.20 -1.80
CA ARG A 112 10.47 -6.69 -2.82
C ARG A 112 9.71 -6.27 -4.09
N GLU A 113 8.72 -7.06 -4.49
CA GLU A 113 7.96 -6.79 -5.71
C GLU A 113 7.09 -5.54 -5.54
N VAL A 114 6.44 -5.39 -4.38
CA VAL A 114 5.74 -4.18 -4.08
C VAL A 114 6.72 -2.99 -4.14
N ALA A 115 7.89 -3.17 -3.52
CA ALA A 115 8.93 -2.15 -3.45
C ALA A 115 9.46 -1.68 -4.78
N ARG A 116 9.49 -2.57 -5.77
CA ARG A 116 10.16 -2.27 -7.04
C ARG A 116 9.60 -1.03 -7.72
N GLU A 117 8.26 -0.89 -7.77
CA GLU A 117 7.58 0.33 -8.25
C GLU A 117 7.57 1.46 -7.23
N ALA A 118 7.32 1.10 -5.97
CA ALA A 118 7.30 2.08 -4.88
C ALA A 118 8.60 2.90 -4.87
N THR A 119 9.74 2.21 -4.92
CA THR A 119 11.05 2.87 -4.93
C THR A 119 11.65 3.22 -6.31
N ARG A 120 11.04 2.77 -7.41
CA ARG A 120 11.68 2.83 -8.76
C ARG A 120 13.09 2.20 -8.76
N GLY A 121 13.32 1.20 -7.94
CA GLY A 121 14.64 0.57 -7.86
C GLY A 121 15.69 1.33 -7.11
N LEU A 122 15.35 2.46 -6.49
CA LEU A 122 16.33 3.31 -5.83
C LEU A 122 16.87 2.63 -4.58
N LYS A 123 18.18 2.45 -4.55
CA LYS A 123 18.88 1.88 -3.40
C LYS A 123 19.94 2.86 -2.86
N PRO A 124 20.11 2.91 -1.53
CA PRO A 124 21.20 3.72 -0.96
C PRO A 124 22.57 3.18 -1.36
N ARG A 125 23.55 4.07 -1.46
CA ARG A 125 24.92 3.66 -1.75
C ARG A 125 25.56 2.99 -0.55
N LEU A 126 25.26 3.55 0.63
CA LEU A 126 25.60 2.93 1.92
C LEU A 126 24.46 3.00 2.91
N THR A 127 24.39 1.97 3.73
CA THR A 127 23.41 1.87 4.80
C THR A 127 24.14 1.51 6.09
N PHE A 128 24.03 2.41 7.06
CA PHE A 128 24.63 2.21 8.34
C PHE A 128 23.64 1.56 9.26
N LEU A 129 23.98 0.34 9.66
CA LEU A 129 23.11 -0.46 10.51
C LEU A 129 23.68 -0.38 11.89
N LEU A 130 22.91 0.22 12.78
CA LEU A 130 23.28 0.31 14.18
C LEU A 130 22.74 -0.93 14.87
N ASP A 131 23.63 -1.88 15.13
CA ASP A 131 23.22 -3.20 15.64
C ASP A 131 23.04 -3.11 17.15
N LEU A 132 21.81 -3.28 17.61
CA LEU A 132 21.45 -3.14 19.04
C LEU A 132 20.92 -4.46 19.58
N PRO A 133 21.38 -4.89 20.77
CA PRO A 133 20.70 -6.03 21.41
C PRO A 133 19.16 -5.85 21.52
N PRO A 134 18.39 -6.91 21.25
CA PRO A 134 16.94 -6.75 21.19
C PRO A 134 16.32 -6.25 22.47
N GLU A 135 16.79 -6.75 23.64
CA GLU A 135 16.33 -6.26 24.98
C GLU A 135 16.40 -4.78 25.14
N ALA A 136 17.36 -4.14 24.47
CA ALA A 136 17.53 -2.69 24.61
C ALA A 136 16.50 -1.86 23.83
N ALA A 137 15.76 -2.48 22.91
CA ALA A 137 14.83 -1.75 22.03
C ALA A 137 13.57 -1.31 22.77
N GLU A 148 0.43 -3.30 18.83
CA GLU A 148 1.19 -3.70 17.67
C GLU A 148 2.20 -4.82 17.92
N GLY A 149 2.34 -5.28 19.16
CA GLY A 149 3.07 -6.53 19.43
C GLY A 149 4.58 -6.48 19.23
N LEU A 150 5.18 -5.34 19.54
CA LEU A 150 6.65 -5.16 19.48
C LEU A 150 7.29 -5.56 20.82
N GLY A 151 7.20 -6.85 21.13
CA GLY A 151 7.83 -7.41 22.33
C GLY A 151 9.18 -8.02 21.98
N LEU A 152 9.74 -8.79 22.93
CA LEU A 152 11.12 -9.29 22.81
C LEU A 152 11.30 -10.25 21.66
N GLU A 153 10.36 -11.16 21.47
CA GLU A 153 10.54 -12.18 20.45
C GLU A 153 10.54 -11.53 19.04
N PHE A 154 9.67 -10.54 18.83
CA PHE A 154 9.61 -9.75 17.61
C PHE A 154 10.94 -9.02 17.38
N PHE A 155 11.44 -8.31 18.39
CA PHE A 155 12.71 -7.58 18.24
C PHE A 155 13.90 -8.51 18.02
N ARG A 156 13.88 -9.71 18.60
CA ARG A 156 14.94 -10.67 18.30
C ARG A 156 14.89 -11.04 16.82
N ARG A 157 13.70 -11.30 16.29
CA ARG A 157 13.55 -11.63 14.84
C ARG A 157 14.05 -10.47 13.94
N VAL A 158 13.68 -9.25 14.30
CA VAL A 158 14.01 -8.07 13.52
C VAL A 158 15.51 -7.83 13.59
N ARG A 159 16.08 -7.95 14.78
CA ARG A 159 17.51 -7.75 14.94
C ARG A 159 18.32 -8.70 14.07
N GLU A 160 17.94 -9.96 14.10
CA GLU A 160 18.62 -10.99 13.30
C GLU A 160 18.36 -10.85 11.80
N GLY A 161 17.21 -10.31 11.44
CA GLY A 161 16.86 -10.03 10.06
C GLY A 161 17.73 -8.95 9.47
N TYR A 162 17.90 -7.85 10.19
CA TYR A 162 18.82 -6.83 9.77
C TYR A 162 20.23 -7.38 9.51
N LEU A 163 20.74 -8.21 10.43
CA LEU A 163 22.07 -8.79 10.28
C LEU A 163 22.14 -9.73 9.05
N ALA A 164 21.04 -10.42 8.76
CA ALA A 164 20.98 -11.25 7.54
C ALA A 164 20.95 -10.40 6.28
N LEU A 165 20.22 -9.28 6.33
CA LEU A 165 20.20 -8.34 5.20
C LEU A 165 21.60 -7.77 4.97
N ALA A 166 22.31 -7.49 6.07
CA ALA A 166 23.67 -6.99 5.94
C ALA A 166 24.65 -8.01 5.38
N ARG A 167 24.51 -9.27 5.77
CA ARG A 167 25.33 -10.37 5.19
C ARG A 167 25.04 -10.58 3.67
N ALA A 168 23.81 -10.33 3.25
CA ALA A 168 23.41 -10.55 1.84
C ALA A 168 23.90 -9.44 0.90
N GLU A 169 24.08 -8.24 1.45
CA GLU A 169 24.61 -7.07 0.72
C GLU A 169 25.74 -6.43 1.54
N PRO A 170 26.88 -7.13 1.62
CA PRO A 170 27.96 -6.66 2.53
C PRO A 170 28.77 -5.45 2.00
N GLY A 171 28.54 -5.07 0.75
CA GLY A 171 29.09 -3.83 0.22
C GLY A 171 28.24 -2.61 0.60
N ARG A 172 26.93 -2.76 0.62
CA ARG A 172 26.01 -1.67 0.97
C ARG A 172 25.92 -1.39 2.48
N PHE A 173 25.85 -2.46 3.27
CA PHE A 173 25.67 -2.35 4.71
C PHE A 173 27.02 -2.16 5.42
N VAL A 174 27.03 -1.24 6.38
CA VAL A 174 28.14 -1.06 7.31
C VAL A 174 27.50 -1.31 8.67
N VAL A 175 27.91 -2.39 9.31
CA VAL A 175 27.32 -2.80 10.60
C VAL A 175 28.17 -2.23 11.72
N LEU A 176 27.52 -1.51 12.62
CA LEU A 176 28.21 -0.87 13.74
C LEU A 176 27.56 -1.28 15.04
N ASP A 177 28.38 -1.36 16.09
CA ASP A 177 27.91 -1.71 17.41
C ASP A 177 27.19 -0.50 18.02
N ALA A 178 25.87 -0.61 18.15
CA ALA A 178 25.06 0.51 18.62
C ALA A 178 25.31 0.92 20.08
N THR A 179 25.96 0.05 20.87
CA THR A 179 26.31 0.37 22.28
C THR A 179 27.59 1.18 22.40
N LEU A 180 28.37 1.32 21.31
CA LEU A 180 29.57 2.17 21.37
C LEU A 180 29.18 3.62 21.66
N PRO A 181 30.12 4.42 22.22
CA PRO A 181 29.77 5.82 22.47
C PRO A 181 29.37 6.53 21.17
N GLU A 182 28.48 7.50 21.30
CA GLU A 182 27.95 8.23 20.15
C GLU A 182 29.05 8.79 19.24
N GLU A 183 30.08 9.37 19.85
CA GLU A 183 31.17 10.01 19.09
C GLU A 183 32.00 9.02 18.34
N GLU A 184 32.15 7.81 18.88
CA GLU A 184 32.90 6.76 18.20
C GLU A 184 32.14 6.21 17.02
N ILE A 185 30.82 6.10 17.16
CA ILE A 185 29.99 5.66 16.05
C ILE A 185 30.06 6.71 14.91
N ALA A 186 29.91 7.97 15.27
CA ALA A 186 29.98 9.05 14.26
C ALA A 186 31.29 9.03 13.52
N ARG A 187 32.39 8.89 14.26
CA ARG A 187 33.70 8.84 13.61
C ARG A 187 33.80 7.68 12.62
N ALA A 188 33.25 6.50 12.99
CA ALA A 188 33.23 5.34 12.09
C ALA A 188 32.41 5.62 10.83
N ILE A 189 31.22 6.19 11.00
CA ILE A 189 30.38 6.57 9.84
C ILE A 189 31.12 7.50 8.89
N GLN A 190 31.75 8.53 9.46
CA GLN A 190 32.52 9.52 8.70
C GLN A 190 33.65 8.85 7.92
N ALA A 191 34.30 7.87 8.54
CA ALA A 191 35.43 7.18 7.91
C ALA A 191 35.01 6.35 6.70
N HIS A 192 33.86 5.69 6.77
CA HIS A 192 33.28 4.99 5.61
C HIS A 192 32.88 5.93 4.47
N LEU A 193 32.57 7.18 4.79
CA LEU A 193 32.14 8.12 3.79
C LEU A 193 33.29 8.86 3.14
N ARG A 194 34.44 8.93 3.80
CA ARG A 194 35.55 9.73 3.31
C ARG A 194 35.92 9.40 1.83
N PRO A 195 35.98 8.11 1.44
CA PRO A 195 36.25 7.79 0.01
C PRO A 195 35.17 8.17 -1.00
N LEU A 196 33.93 8.38 -0.56
CA LEU A 196 32.84 8.81 -1.44
C LEU A 196 32.73 10.34 -1.49
N LEU A 197 33.25 11.04 -0.49
CA LEU A 197 33.09 12.49 -0.39
C LEU A 197 34.43 13.18 -0.19
N GLY B 3 -20.90 -19.06 2.08
CA GLY B 3 -20.97 -17.60 1.68
C GLY B 3 -20.94 -17.38 0.18
N LEU B 4 -21.24 -16.15 -0.24
CA LEU B 4 -21.23 -15.77 -1.66
C LEU B 4 -20.78 -14.32 -1.80
N PHE B 5 -19.74 -14.08 -2.60
CA PHE B 5 -19.12 -12.77 -2.71
C PHE B 5 -19.52 -12.13 -4.05
N LEU B 6 -20.10 -10.93 -4.00
CA LEU B 6 -20.59 -10.22 -5.18
C LEU B 6 -20.05 -8.82 -5.15
N THR B 7 -19.66 -8.29 -6.30
CA THR B 7 -19.31 -6.89 -6.36
C THR B 7 -20.07 -6.10 -7.41
N LEU B 8 -20.07 -4.79 -7.19
CA LEU B 8 -20.54 -3.79 -8.13
C LEU B 8 -19.39 -2.84 -8.49
N GLU B 9 -19.32 -2.52 -9.76
CA GLU B 9 -18.28 -1.68 -10.32
C GLU B 9 -18.86 -0.72 -11.36
N GLY B 10 -18.11 0.33 -11.62
CA GLY B 10 -18.49 1.36 -12.60
C GLY B 10 -18.03 2.73 -12.17
N LEU B 11 -18.22 3.68 -13.08
CA LEU B 11 -17.83 5.04 -12.82
C LEU B 11 -18.63 5.59 -11.68
N ASP B 12 -18.11 6.65 -11.08
CA ASP B 12 -18.89 7.44 -10.14
C ASP B 12 -20.20 7.86 -10.85
N GLY B 13 -21.33 7.69 -10.15
CA GLY B 13 -22.67 8.05 -10.68
C GLY B 13 -23.29 7.07 -11.66
N SER B 14 -22.81 5.83 -11.66
CA SER B 14 -23.27 4.80 -12.58
C SER B 14 -24.42 3.99 -11.94
N GLY B 15 -24.73 4.25 -10.66
CA GLY B 15 -25.79 3.53 -9.96
C GLY B 15 -25.37 2.40 -9.03
N LYS B 16 -24.07 2.30 -8.71
CA LYS B 16 -23.54 1.24 -7.84
C LYS B 16 -24.22 1.10 -6.47
N THR B 17 -24.28 2.19 -5.72
CA THR B 17 -24.83 2.12 -4.35
C THR B 17 -26.32 1.79 -4.43
N THR B 18 -27.01 2.34 -5.44
CA THR B 18 -28.43 2.10 -5.66
C THR B 18 -28.71 0.63 -5.90
N GLN B 19 -27.95 0.00 -6.81
CA GLN B 19 -28.16 -1.41 -7.13
C GLN B 19 -27.67 -2.33 -6.02
N ALA B 20 -26.61 -1.94 -5.32
CA ALA B 20 -26.16 -2.67 -4.15
C ALA B 20 -27.29 -2.68 -3.08
N ARG B 21 -27.94 -1.54 -2.88
CA ARG B 21 -29.12 -1.42 -1.97
C ARG B 21 -30.27 -2.30 -2.41
N ARG B 22 -30.65 -2.22 -3.69
CA ARG B 22 -31.73 -3.08 -4.22
C ARG B 22 -31.40 -4.57 -4.19
N LEU B 23 -30.12 -4.90 -4.37
CA LEU B 23 -29.69 -6.30 -4.32
C LEU B 23 -29.78 -6.88 -2.91
N ALA B 24 -29.32 -6.11 -1.94
CA ALA B 24 -29.45 -6.51 -0.53
C ALA B 24 -30.94 -6.72 -0.16
N ALA B 25 -31.80 -5.80 -0.62
CA ALA B 25 -33.24 -5.84 -0.34
C ALA B 25 -33.90 -7.08 -0.92
N PHE B 26 -33.55 -7.39 -2.16
CA PHE B 26 -33.97 -8.62 -2.83
C PHE B 26 -33.57 -9.83 -2.01
N LEU B 27 -32.31 -9.85 -1.57
CA LEU B 27 -31.82 -10.98 -0.81
C LEU B 27 -32.50 -11.11 0.57
N GLU B 28 -32.69 -9.98 1.24
CA GLU B 28 -33.47 -9.94 2.50
C GLU B 28 -34.87 -10.52 2.31
N ALA B 29 -35.54 -10.14 1.22
CA ALA B 29 -36.88 -10.64 0.90
C ALA B 29 -36.91 -12.16 0.74
N GLN B 30 -35.79 -12.75 0.32
CA GLN B 30 -35.69 -14.20 0.25
C GLN B 30 -35.16 -14.86 1.52
N GLY B 31 -34.92 -14.08 2.56
CA GLY B 31 -34.44 -14.61 3.83
C GLY B 31 -32.98 -15.00 3.81
N ARG B 32 -32.20 -14.31 2.97
CA ARG B 32 -30.78 -14.64 2.77
C ARG B 32 -29.99 -13.62 3.55
N PRO B 33 -29.25 -14.06 4.59
CA PRO B 33 -28.38 -13.09 5.27
C PRO B 33 -27.38 -12.42 4.30
N VAL B 34 -27.34 -11.10 4.38
CA VAL B 34 -26.62 -10.24 3.44
C VAL B 34 -25.79 -9.24 4.23
N LEU B 35 -24.60 -8.95 3.72
CA LEU B 35 -23.75 -7.91 4.27
C LEU B 35 -23.40 -6.97 3.15
N LEU B 36 -23.77 -5.70 3.34
CA LEU B 36 -23.43 -4.67 2.38
C LEU B 36 -22.20 -3.91 2.88
N THR B 37 -21.19 -3.79 2.03
CA THR B 37 -19.98 -3.03 2.38
C THR B 37 -19.47 -2.27 1.14
N ARG B 38 -18.35 -1.56 1.29
CA ARG B 38 -17.85 -0.69 0.22
C ARG B 38 -16.39 -0.36 0.35
N GLU B 39 -15.81 0.04 -0.77
CA GLU B 39 -14.48 0.58 -0.82
C GLU B 39 -14.54 1.93 -1.56
N PRO B 40 -13.77 2.90 -1.12
CA PRO B 40 -12.79 2.75 -0.03
C PRO B 40 -13.43 3.07 1.33
N GLY B 41 -12.78 2.67 2.42
CA GLY B 41 -13.24 2.98 3.77
C GLY B 41 -13.79 1.78 4.53
N GLY B 42 -14.12 0.71 3.85
CA GLY B 42 -14.57 -0.52 4.53
C GLY B 42 -13.53 -1.19 5.44
N GLY B 43 -12.25 -1.00 5.14
CA GLY B 43 -11.17 -1.48 6.03
C GLY B 43 -10.60 -0.39 6.93
N LEU B 44 -10.08 0.69 6.31
CA LEU B 44 -9.54 1.86 6.99
C LEU B 44 -10.30 3.11 6.58
N PRO B 45 -11.33 3.49 7.37
CA PRO B 45 -12.07 4.76 7.11
C PRO B 45 -11.17 6.02 6.92
N GLU B 46 -10.08 6.07 7.66
CA GLU B 46 -9.12 7.15 7.56
C GLU B 46 -8.44 7.25 6.19
N VAL B 47 -8.27 6.13 5.49
CA VAL B 47 -7.75 6.20 4.12
C VAL B 47 -8.73 6.93 3.20
N ARG B 48 -10.04 6.65 3.35
CA ARG B 48 -11.02 7.32 2.52
C ARG B 48 -10.96 8.82 2.72
N SER B 49 -11.04 9.23 3.99
CA SER B 49 -11.07 10.64 4.32
C SER B 49 -9.76 11.33 3.92
N LEU B 50 -8.64 10.65 4.07
CA LEU B 50 -7.37 11.22 3.65
C LEU B 50 -7.30 11.44 2.14
N LEU B 51 -7.69 10.43 1.37
CA LEU B 51 -7.70 10.52 -0.11
C LEU B 51 -8.70 11.55 -0.64
N LEU B 52 -9.76 11.79 0.12
CA LEU B 52 -10.74 12.82 -0.21
C LEU B 52 -10.10 14.20 -0.46
N THR B 53 -9.08 14.55 0.35
CA THR B 53 -8.49 15.90 0.40
C THR B 53 -7.00 16.00 0.03
N GLN B 54 -6.40 14.89 -0.40
CA GLN B 54 -4.95 14.79 -0.63
C GLN B 54 -4.75 14.28 -2.06
N GLU B 55 -3.76 14.81 -2.75
CA GLU B 55 -3.43 14.41 -4.13
C GLU B 55 -2.07 13.71 -4.08
N LEU B 56 -2.00 12.45 -4.52
CA LEU B 56 -0.75 11.68 -4.40
C LEU B 56 -0.34 11.10 -5.74
N SER B 57 0.91 10.67 -5.83
CA SER B 57 1.37 9.82 -6.95
C SER B 57 0.43 8.62 -7.10
N PRO B 58 0.28 8.08 -8.33
CA PRO B 58 -0.61 6.93 -8.52
C PRO B 58 -0.22 5.72 -7.66
N GLU B 59 1.08 5.50 -7.54
CA GLU B 59 1.67 4.40 -6.79
C GLU B 59 1.25 4.49 -5.32
N ALA B 60 1.50 5.65 -4.70
CA ALA B 60 1.07 5.90 -3.32
C ALA B 60 -0.46 5.75 -3.13
N GLU B 61 -1.22 6.33 -4.05
CA GLU B 61 -2.69 6.21 -4.06
C GLU B 61 -3.14 4.73 -4.09
N TYR B 62 -2.60 3.98 -5.03
CA TYR B 62 -2.92 2.55 -5.10
C TYR B 62 -2.56 1.81 -3.81
N LEU B 63 -1.40 2.15 -3.23
CA LEU B 63 -0.97 1.44 -2.05
C LEU B 63 -1.87 1.74 -0.86
N LEU B 64 -2.39 2.95 -0.76
CA LEU B 64 -3.40 3.22 0.29
C LEU B 64 -4.71 2.46 0.06
N PHE B 65 -5.21 2.48 -1.17
CA PHE B 65 -6.40 1.70 -1.48
C PHE B 65 -6.19 0.20 -1.15
N SER B 66 -4.96 -0.27 -1.38
CA SER B 66 -4.60 -1.66 -1.08
C SER B 66 -4.52 -1.94 0.40
N ALA B 67 -3.94 -1.01 1.16
CA ALA B 67 -3.93 -1.14 2.63
C ALA B 67 -5.35 -1.21 3.15
N ASP B 68 -6.19 -0.31 2.68
CA ASP B 68 -7.62 -0.33 3.06
C ASP B 68 -8.24 -1.66 2.68
N ARG B 69 -7.97 -2.11 1.44
CA ARG B 69 -8.50 -3.36 0.95
C ARG B 69 -8.08 -4.55 1.81
N ALA B 70 -6.84 -4.55 2.25
CA ALA B 70 -6.29 -5.64 3.05
C ALA B 70 -7.03 -5.79 4.37
N GLU B 71 -7.30 -4.67 5.03
CA GLU B 71 -8.15 -4.68 6.24
C GLU B 71 -9.59 -5.07 5.96
N HIS B 72 -10.11 -4.57 4.84
CA HIS B 72 -11.51 -4.82 4.42
C HIS B 72 -11.75 -6.31 4.21
N VAL B 73 -10.86 -6.96 3.47
CA VAL B 73 -10.98 -8.40 3.25
C VAL B 73 -10.90 -9.17 4.56
N ARG B 74 -9.94 -8.81 5.40
CA ARG B 74 -9.69 -9.61 6.60
C ARG B 74 -10.72 -9.37 7.72
N LYS B 75 -11.08 -8.14 7.98
CA LYS B 75 -11.95 -7.78 9.12
C LYS B 75 -13.46 -7.81 8.79
N VAL B 76 -13.82 -7.60 7.52
CA VAL B 76 -15.23 -7.47 7.12
C VAL B 76 -15.67 -8.59 6.17
N ILE B 77 -14.97 -8.73 5.04
CA ILE B 77 -15.46 -9.61 3.97
C ILE B 77 -15.33 -11.09 4.31
N LEU B 78 -14.13 -11.55 4.63
CA LEU B 78 -13.93 -12.95 4.92
C LEU B 78 -14.77 -13.42 6.11
N PRO B 79 -14.85 -12.63 7.20
CA PRO B 79 -15.74 -13.06 8.30
C PRO B 79 -17.20 -13.13 7.92
N GLY B 80 -17.66 -12.17 7.13
CA GLY B 80 -19.02 -12.20 6.59
C GLY B 80 -19.31 -13.45 5.79
N LEU B 81 -18.36 -13.86 4.94
CA LEU B 81 -18.51 -15.05 4.14
C LEU B 81 -18.49 -16.32 4.99
N ALA B 82 -17.63 -16.35 6.00
CA ALA B 82 -17.55 -17.49 6.89
C ALA B 82 -18.83 -17.70 7.72
N ALA B 83 -19.56 -16.63 7.99
CA ALA B 83 -20.85 -16.70 8.66
C ALA B 83 -21.99 -17.10 7.70
N GLY B 84 -21.66 -17.31 6.42
CA GLY B 84 -22.62 -17.76 5.39
C GLY B 84 -23.39 -16.63 4.71
N LYS B 85 -22.95 -15.39 4.90
CA LYS B 85 -23.63 -14.25 4.32
C LYS B 85 -23.34 -14.10 2.84
N VAL B 86 -24.28 -13.48 2.15
CA VAL B 86 -23.98 -12.93 0.83
C VAL B 86 -23.34 -11.57 1.11
N VAL B 87 -22.06 -11.45 0.80
CA VAL B 87 -21.34 -10.20 0.98
C VAL B 87 -21.30 -9.47 -0.36
N ILE B 88 -21.83 -8.25 -0.36
CA ILE B 88 -21.83 -7.37 -1.51
C ILE B 88 -20.87 -6.24 -1.24
N SER B 89 -19.83 -6.07 -2.08
CA SER B 89 -18.99 -4.89 -1.97
C SER B 89 -19.19 -3.92 -3.14
N ASP B 90 -19.51 -2.69 -2.78
CA ASP B 90 -19.72 -1.55 -3.66
C ASP B 90 -18.32 -1.02 -3.90
N ARG B 91 -17.73 -1.54 -5.00
CA ARG B 91 -16.32 -1.41 -5.37
C ARG B 91 -15.40 -2.43 -4.68
N TYR B 92 -14.45 -2.96 -5.44
CA TYR B 92 -13.44 -3.90 -4.96
C TYR B 92 -12.16 -3.71 -5.82
N LEU B 93 -11.35 -4.76 -5.99
CA LEU B 93 -10.07 -4.66 -6.69
C LEU B 93 -10.17 -4.11 -8.09
N ASP B 94 -11.23 -4.46 -8.82
CA ASP B 94 -11.42 -3.98 -10.21
C ASP B 94 -11.43 -2.45 -10.25
N SER B 95 -11.89 -1.80 -9.17
CA SER B 95 -11.74 -0.32 -9.08
C SER B 95 -10.31 0.16 -9.22
N SER B 96 -9.38 -0.43 -8.46
CA SER B 96 -7.97 -0.06 -8.60
C SER B 96 -7.43 -0.33 -10.00
N LEU B 97 -7.80 -1.48 -10.55
CA LEU B 97 -7.35 -1.85 -11.92
C LEU B 97 -7.79 -0.81 -12.97
N ALA B 98 -9.06 -0.44 -12.90
CA ALA B 98 -9.63 0.55 -13.82
C ALA B 98 -9.12 1.99 -13.60
N TYR B 99 -9.14 2.48 -12.33
CA TYR B 99 -8.71 3.85 -12.00
C TYR B 99 -7.19 4.04 -11.95
N GLN B 100 -6.50 3.26 -11.13
CA GLN B 100 -5.04 3.36 -11.02
C GLN B 100 -4.31 2.69 -12.20
N GLY B 101 -4.84 1.57 -12.71
CA GLY B 101 -4.25 0.90 -13.86
C GLY B 101 -4.54 1.59 -15.17
N TYR B 102 -5.75 1.40 -15.70
CA TYR B 102 -6.06 2.02 -16.99
C TYR B 102 -6.14 3.53 -16.92
N GLY B 103 -6.62 4.11 -15.83
CA GLY B 103 -6.75 5.57 -15.73
C GLY B 103 -5.41 6.25 -15.58
N ARG B 104 -4.68 5.88 -14.53
CA ARG B 104 -3.41 6.55 -14.21
C ARG B 104 -2.15 5.89 -14.79
N GLY B 105 -2.28 4.74 -15.42
CA GLY B 105 -1.19 4.14 -16.15
C GLY B 105 -0.29 3.15 -15.42
N LEU B 106 -0.66 2.73 -14.22
CA LEU B 106 0.14 1.74 -13.52
C LEU B 106 0.02 0.38 -14.22
N PRO B 107 1.12 -0.40 -14.28
CA PRO B 107 1.06 -1.69 -14.94
C PRO B 107 0.20 -2.71 -14.17
N LEU B 108 -0.76 -3.31 -14.87
CA LEU B 108 -1.64 -4.32 -14.26
C LEU B 108 -0.95 -5.50 -13.58
N PRO B 109 0.14 -6.05 -14.13
CA PRO B 109 0.74 -7.22 -13.44
C PRO B 109 1.30 -6.85 -12.07
N TRP B 110 1.89 -5.66 -11.94
CA TRP B 110 2.31 -5.13 -10.65
C TRP B 110 1.09 -4.96 -9.72
N LEU B 111 0.03 -4.32 -10.20
CA LEU B 111 -1.19 -4.15 -9.38
C LEU B 111 -1.70 -5.49 -8.86
N ARG B 112 -1.71 -6.50 -9.74
CA ARG B 112 -2.19 -7.80 -9.35
C ARG B 112 -1.29 -8.55 -8.38
N GLU B 113 0.03 -8.41 -8.50
CA GLU B 113 0.96 -9.04 -7.53
C GLU B 113 0.86 -8.41 -6.12
N VAL B 114 0.68 -7.09 -6.08
CA VAL B 114 0.37 -6.38 -4.80
C VAL B 114 -0.92 -6.91 -4.23
N ALA B 115 -1.96 -6.92 -5.08
CA ALA B 115 -3.30 -7.40 -4.68
C ALA B 115 -3.31 -8.83 -4.20
N ARG B 116 -2.45 -9.67 -4.76
CA ARG B 116 -2.42 -11.10 -4.42
C ARG B 116 -2.34 -11.37 -2.88
N GLU B 117 -1.47 -10.67 -2.16
CA GLU B 117 -1.38 -10.80 -0.67
C GLU B 117 -2.39 -9.92 0.10
N ALA B 118 -2.68 -8.77 -0.51
CA ALA B 118 -3.68 -7.86 0.05
C ALA B 118 -5.05 -8.53 0.11
N THR B 119 -5.46 -9.24 -0.94
CA THR B 119 -6.79 -9.85 -0.95
C THR B 119 -6.85 -11.30 -0.43
N ARG B 120 -5.70 -11.89 -0.12
CA ARG B 120 -5.58 -13.37 -0.01
C ARG B 120 -6.14 -14.15 -1.20
N GLY B 121 -6.12 -13.58 -2.41
CA GLY B 121 -6.69 -14.22 -3.59
C GLY B 121 -8.22 -14.27 -3.67
N LEU B 122 -8.89 -13.54 -2.78
CA LEU B 122 -10.34 -13.54 -2.74
C LEU B 122 -10.87 -12.77 -3.94
N LYS B 123 -11.66 -13.45 -4.76
CA LYS B 123 -12.27 -12.88 -5.98
C LYS B 123 -13.76 -13.03 -5.88
N PRO B 124 -14.53 -12.02 -6.34
CA PRO B 124 -15.99 -12.16 -6.35
C PRO B 124 -16.43 -13.27 -7.29
N ARG B 125 -17.53 -13.94 -7.00
CA ARG B 125 -18.13 -14.92 -7.92
C ARG B 125 -18.76 -14.22 -9.12
N LEU B 126 -19.39 -13.09 -8.88
CA LEU B 126 -19.87 -12.23 -9.94
C LEU B 126 -19.59 -10.79 -9.63
N THR B 127 -19.36 -10.00 -10.68
CA THR B 127 -19.13 -8.58 -10.61
C THR B 127 -20.09 -7.93 -11.63
N PHE B 128 -20.97 -7.06 -11.13
CA PHE B 128 -21.88 -6.32 -12.01
C PHE B 128 -21.23 -4.99 -12.33
N LEU B 129 -20.92 -4.79 -13.61
CA LEU B 129 -20.38 -3.54 -14.12
C LEU B 129 -21.52 -2.74 -14.72
N LEU B 130 -21.73 -1.55 -14.15
CA LEU B 130 -22.75 -0.59 -14.58
C LEU B 130 -22.03 0.40 -15.52
N ASP B 131 -22.22 0.17 -16.82
CA ASP B 131 -21.47 0.84 -17.87
C ASP B 131 -22.27 1.98 -18.46
N LEU B 132 -21.61 3.13 -18.60
CA LEU B 132 -22.14 4.32 -19.30
C LEU B 132 -21.00 5.30 -19.63
N PRO B 133 -21.21 6.20 -20.62
CA PRO B 133 -20.21 7.23 -20.92
C PRO B 133 -20.04 8.20 -19.75
N PRO B 134 -18.84 8.77 -19.54
CA PRO B 134 -18.67 9.69 -18.39
C PRO B 134 -19.68 10.84 -18.32
N GLU B 135 -20.11 11.32 -19.48
CA GLU B 135 -21.11 12.40 -19.60
C GLU B 135 -22.53 12.02 -19.20
N ALA B 136 -22.79 10.72 -19.07
CA ALA B 136 -24.07 10.21 -18.62
C ALA B 136 -24.10 9.90 -17.12
N ALA B 137 -22.95 9.98 -16.45
CA ALA B 137 -22.88 9.63 -15.03
C ALA B 137 -23.78 10.59 -14.24
N LEU B 138 -24.67 10.04 -13.42
CA LEU B 138 -25.71 10.85 -12.78
C LEU B 138 -25.29 11.56 -11.51
N LEU B 150 -7.34 14.40 -14.59
CA LEU B 150 -7.59 14.96 -15.92
C LEU B 150 -9.06 15.35 -16.09
N GLY B 151 -9.40 15.84 -17.29
CA GLY B 151 -10.79 16.13 -17.66
C GLY B 151 -11.55 14.85 -17.94
N LEU B 152 -12.28 14.82 -19.06
CA LEU B 152 -13.06 13.65 -19.42
C LEU B 152 -12.18 12.51 -19.93
N GLU B 153 -10.95 12.80 -20.39
CA GLU B 153 -10.14 11.76 -21.00
C GLU B 153 -9.73 10.68 -19.97
N PHE B 154 -9.33 11.08 -18.77
CA PHE B 154 -9.16 10.15 -17.65
C PHE B 154 -10.40 9.23 -17.46
N PHE B 155 -11.60 9.82 -17.38
CA PHE B 155 -12.79 9.03 -17.09
C PHE B 155 -13.12 8.09 -18.24
N ARG B 156 -12.82 8.52 -19.46
CA ARG B 156 -12.92 7.61 -20.61
C ARG B 156 -11.93 6.48 -20.56
N ARG B 157 -10.70 6.75 -20.08
CA ARG B 157 -9.73 5.66 -19.92
C ARG B 157 -10.25 4.64 -18.90
N VAL B 158 -10.87 5.15 -17.83
CA VAL B 158 -11.45 4.28 -16.78
C VAL B 158 -12.61 3.43 -17.30
N ARG B 159 -13.52 4.05 -18.04
CA ARG B 159 -14.70 3.38 -18.53
C ARG B 159 -14.29 2.27 -19.51
N GLU B 160 -13.40 2.63 -20.44
CA GLU B 160 -12.83 1.64 -21.37
C GLU B 160 -12.03 0.54 -20.65
N GLY B 161 -11.33 0.92 -19.58
CA GLY B 161 -10.57 -0.07 -18.78
C GLY B 161 -11.51 -1.09 -18.16
N TYR B 162 -12.61 -0.61 -17.55
CA TYR B 162 -13.59 -1.55 -16.98
C TYR B 162 -14.10 -2.53 -18.06
N LEU B 163 -14.41 -2.00 -19.24
CA LEU B 163 -14.90 -2.84 -20.34
C LEU B 163 -13.83 -3.82 -20.82
N ALA B 164 -12.57 -3.40 -20.77
CA ALA B 164 -11.43 -4.31 -21.04
C ALA B 164 -11.37 -5.46 -20.06
N LEU B 165 -11.53 -5.13 -18.78
CA LEU B 165 -11.51 -6.12 -17.73
C LEU B 165 -12.65 -7.09 -17.90
N ALA B 166 -13.83 -6.55 -18.21
CA ALA B 166 -15.00 -7.39 -18.40
C ALA B 166 -14.88 -8.35 -19.57
N ARG B 167 -14.26 -7.92 -20.65
CA ARG B 167 -14.19 -8.84 -21.81
C ARG B 167 -13.06 -9.88 -21.64
N ALA B 168 -12.14 -9.61 -20.71
CA ALA B 168 -11.10 -10.60 -20.34
C ALA B 168 -11.62 -11.68 -19.38
N GLU B 169 -12.68 -11.37 -18.64
CA GLU B 169 -13.27 -12.29 -17.68
C GLU B 169 -14.79 -12.31 -17.85
N PRO B 170 -15.28 -12.79 -19.00
CA PRO B 170 -16.72 -12.79 -19.27
C PRO B 170 -17.52 -13.73 -18.35
N GLY B 171 -16.86 -14.69 -17.71
CA GLY B 171 -17.53 -15.57 -16.75
C GLY B 171 -17.79 -14.90 -15.41
N ARG B 172 -17.03 -13.86 -15.11
CA ARG B 172 -17.22 -13.15 -13.85
C ARG B 172 -18.01 -11.85 -14.00
N PHE B 173 -17.67 -11.06 -15.02
CA PHE B 173 -18.35 -9.79 -15.27
C PHE B 173 -19.73 -9.96 -15.93
N VAL B 174 -20.68 -9.20 -15.42
CA VAL B 174 -21.95 -8.99 -16.08
C VAL B 174 -22.02 -7.49 -16.37
N VAL B 175 -22.13 -7.13 -17.65
CA VAL B 175 -22.10 -5.74 -18.07
C VAL B 175 -23.53 -5.33 -18.34
N LEU B 176 -23.95 -4.27 -17.65
CA LEU B 176 -25.28 -3.73 -17.77
C LEU B 176 -25.25 -2.28 -18.24
N ASP B 177 -26.30 -1.92 -18.98
CA ASP B 177 -26.54 -0.58 -19.44
C ASP B 177 -27.07 0.25 -18.29
N ALA B 178 -26.18 1.04 -17.71
CA ALA B 178 -26.48 1.87 -16.50
C ALA B 178 -27.55 2.93 -16.70
N THR B 179 -27.86 3.26 -17.98
CA THR B 179 -28.84 4.30 -18.30
C THR B 179 -30.26 3.77 -18.29
N LEU B 180 -30.43 2.46 -18.18
CA LEU B 180 -31.76 1.87 -18.04
C LEU B 180 -32.38 2.31 -16.72
N PRO B 181 -33.72 2.23 -16.63
CA PRO B 181 -34.37 2.54 -15.35
C PRO B 181 -33.92 1.56 -14.26
N GLU B 182 -33.82 2.08 -13.03
CA GLU B 182 -33.38 1.30 -11.85
C GLU B 182 -33.95 -0.09 -11.76
N GLU B 183 -35.27 -0.19 -11.92
CA GLU B 183 -35.96 -1.46 -11.74
C GLU B 183 -35.57 -2.51 -12.75
N GLU B 184 -35.37 -2.11 -14.00
CA GLU B 184 -34.95 -3.06 -15.04
C GLU B 184 -33.55 -3.63 -14.76
N ILE B 185 -32.65 -2.75 -14.33
CA ILE B 185 -31.28 -3.18 -14.00
C ILE B 185 -31.29 -4.18 -12.82
N ALA B 186 -32.03 -3.85 -11.76
CA ALA B 186 -32.20 -4.72 -10.59
C ALA B 186 -32.71 -6.10 -10.97
N ARG B 187 -33.70 -6.13 -11.86
CA ARG B 187 -34.23 -7.40 -12.35
C ARG B 187 -33.24 -8.18 -13.22
N ALA B 188 -32.46 -7.46 -14.04
CA ALA B 188 -31.31 -8.03 -14.78
C ALA B 188 -30.26 -8.67 -13.85
N ILE B 189 -29.94 -7.96 -12.77
CA ILE B 189 -29.01 -8.48 -11.76
C ILE B 189 -29.58 -9.74 -11.10
N GLN B 190 -30.85 -9.64 -10.70
CA GLN B 190 -31.53 -10.79 -10.12
C GLN B 190 -31.49 -12.03 -11.03
N ALA B 191 -31.85 -11.86 -12.30
CA ALA B 191 -31.77 -12.95 -13.30
C ALA B 191 -30.43 -13.67 -13.26
N HIS B 192 -29.34 -12.89 -13.30
CA HIS B 192 -27.98 -13.42 -13.30
C HIS B 192 -27.63 -14.14 -12.02
N LEU B 193 -28.15 -13.64 -10.90
CA LEU B 193 -27.87 -14.19 -9.59
C LEU B 193 -28.68 -15.45 -9.23
N ARG B 194 -29.94 -15.52 -9.68
CA ARG B 194 -30.88 -16.59 -9.29
C ARG B 194 -30.30 -18.02 -9.36
N PRO B 195 -29.54 -18.36 -10.43
CA PRO B 195 -28.84 -19.66 -10.51
C PRO B 195 -27.86 -19.98 -9.36
N LEU B 196 -27.34 -18.95 -8.70
CA LEU B 196 -26.41 -19.14 -7.58
C LEU B 196 -27.10 -19.22 -6.21
N LEU B 197 -28.44 -19.19 -6.16
CA LEU B 197 -29.21 -19.31 -4.91
C LEU B 197 -30.26 -20.44 -5.03
N PRO B 198 -30.85 -20.89 -3.88
CA PRO B 198 -32.02 -21.79 -3.91
C PRO B 198 -33.25 -21.25 -4.66
#